data_4MAX
#
_entry.id   4MAX
#
_cell.length_a   68.791
_cell.length_b   68.791
_cell.length_c   156.059
_cell.angle_alpha   90.000
_cell.angle_beta   90.000
_cell.angle_gamma   90.000
#
_symmetry.space_group_name_H-M   'P 41 21 2'
#
loop_
_entity.id
_entity.type
_entity.pdbx_description
1 polymer cyanoglobin
2 non-polymer 'HEME B/C'
3 non-polymer 'SULFATE ION'
4 water water
#
_entity_poly.entity_id   1
_entity_poly.type   'polypeptide(L)'
_entity_poly.pdbx_seq_one_letter_code
;ASLYEKLGGAAAVDLAVEKFYGKVLADERVNRFFVNTDMAKQKQHQKDFMTYAFGGTDRFPGRSMRAAHQDLVENAGLTD
VHFDAIAENLVLTLQELNVSQDLIDEVVTIVGSVQHRNDVLNR
;
_entity_poly.pdbx_strand_id   A,B,C
#
loop_
_chem_comp.id
_chem_comp.type
_chem_comp.name
_chem_comp.formula
HEB non-polymer 'HEME B/C' 'C34 H34 Fe N4 O4'
SO4 non-polymer 'SULFATE ION' 'O4 S -2'
#
# COMPACT_ATOMS: atom_id res chain seq x y z
N ALA A 1 -19.69 -2.78 -8.43
CA ALA A 1 -19.18 -1.91 -7.31
C ALA A 1 -17.93 -2.51 -6.75
N SER A 2 -17.00 -1.65 -6.31
CA SER A 2 -15.69 -2.08 -5.84
C SER A 2 -15.73 -2.56 -4.39
N LEU A 3 -14.59 -3.06 -3.91
CA LEU A 3 -14.47 -3.44 -2.51
C LEU A 3 -14.78 -2.27 -1.60
N TYR A 4 -14.19 -1.12 -1.89
CA TYR A 4 -14.41 0.08 -1.08
C TYR A 4 -15.87 0.47 -1.06
N GLU A 5 -16.54 0.35 -2.19
CA GLU A 5 -17.97 0.74 -2.26
C GLU A 5 -18.85 -0.25 -1.50
N LYS A 6 -18.55 -1.56 -1.63
CA LYS A 6 -19.34 -2.58 -0.99
CA LYS A 6 -19.35 -2.58 -0.99
C LYS A 6 -19.18 -2.57 0.54
N LEU A 7 -17.96 -2.30 1.02
CA LEU A 7 -17.73 -2.29 2.47
C LEU A 7 -18.05 -0.92 3.09
N GLY A 8 -18.08 0.11 2.27
CA GLY A 8 -18.57 1.44 2.73
C GLY A 8 -17.45 2.31 3.26
N GLY A 9 -16.30 2.23 2.62
CA GLY A 9 -15.28 3.23 2.78
C GLY A 9 -13.96 2.68 3.27
N ALA A 10 -12.97 3.54 3.32
CA ALA A 10 -11.61 3.12 3.66
C ALA A 10 -11.46 2.57 5.07
N ALA A 11 -12.15 3.13 6.05
CA ALA A 11 -12.03 2.61 7.43
C ALA A 11 -12.51 1.16 7.44
N ALA A 12 -13.62 0.89 6.78
CA ALA A 12 -14.19 -0.46 6.79
C ALA A 12 -13.26 -1.44 6.09
N VAL A 13 -12.67 -1.01 4.98
CA VAL A 13 -11.73 -1.88 4.26
C VAL A 13 -10.50 -2.19 5.15
N ASP A 14 -9.98 -1.18 5.82
CA ASP A 14 -8.81 -1.38 6.70
C ASP A 14 -9.15 -2.37 7.82
N LEU A 15 -10.31 -2.22 8.43
CA LEU A 15 -10.69 -3.11 9.54
C LEU A 15 -10.92 -4.55 9.06
N ALA A 16 -11.49 -4.71 7.88
CA ALA A 16 -11.69 -6.05 7.33
C ALA A 16 -10.37 -6.70 6.97
N VAL A 17 -9.47 -5.95 6.35
CA VAL A 17 -8.17 -6.50 5.97
C VAL A 17 -7.42 -6.90 7.21
N GLU A 18 -7.41 -6.05 8.23
CA GLU A 18 -6.65 -6.37 9.43
C GLU A 18 -7.19 -7.66 10.08
N LYS A 19 -8.50 -7.81 10.14
CA LYS A 19 -9.08 -8.98 10.77
CA LYS A 19 -9.10 -8.98 10.76
C LYS A 19 -8.80 -10.25 9.97
N PHE A 20 -8.90 -10.15 8.65
CA PHE A 20 -8.59 -11.28 7.76
C PHE A 20 -7.10 -11.68 7.89
N TYR A 21 -6.22 -10.69 7.82
CA TYR A 21 -4.80 -10.90 8.10
C TYR A 21 -4.56 -11.65 9.41
N GLY A 22 -5.24 -11.23 10.47
CA GLY A 22 -4.99 -11.83 11.78
C GLY A 22 -5.43 -13.31 11.80
N LYS A 23 -6.55 -13.60 11.16
CA LYS A 23 -7.03 -14.97 11.11
C LYS A 23 -6.07 -15.87 10.34
N VAL A 24 -5.60 -15.42 9.19
CA VAL A 24 -4.66 -16.22 8.42
C VAL A 24 -3.35 -16.41 9.20
N LEU A 25 -2.84 -15.36 9.82
CA LEU A 25 -1.60 -15.46 10.59
C LEU A 25 -1.71 -16.53 11.68
N ALA A 26 -2.87 -16.69 12.29
CA ALA A 26 -3.02 -17.60 13.40
C ALA A 26 -3.41 -19.01 12.95
N ASP A 27 -3.71 -19.20 11.68
CA ASP A 27 -4.23 -20.46 11.16
C ASP A 27 -3.06 -21.31 10.67
N GLU A 28 -2.75 -22.35 11.41
CA GLU A 28 -1.58 -23.17 11.11
CA GLU A 28 -1.57 -23.18 11.10
C GLU A 28 -1.74 -23.92 9.76
N ARG A 29 -2.95 -23.95 9.21
CA ARG A 29 -3.14 -24.58 7.91
C ARG A 29 -2.46 -23.75 6.83
N VAL A 30 -2.49 -22.42 6.96
CA VAL A 30 -2.10 -21.56 5.87
C VAL A 30 -1.06 -20.47 6.19
N ASN A 31 -0.83 -20.17 7.46
CA ASN A 31 0.18 -19.18 7.80
C ASN A 31 1.54 -19.50 7.22
N ARG A 32 1.80 -20.79 7.04
CA ARG A 32 3.10 -21.23 6.59
CA ARG A 32 3.07 -21.33 6.56
C ARG A 32 3.40 -20.86 5.15
N PHE A 33 2.39 -20.50 4.38
CA PHE A 33 2.65 -20.12 2.97
C PHE A 33 3.21 -18.73 2.84
N PHE A 34 3.15 -17.95 3.90
CA PHE A 34 3.62 -16.59 3.88
C PHE A 34 5.02 -16.44 4.51
N VAL A 35 5.74 -17.55 4.63
CA VAL A 35 7.16 -17.52 5.04
C VAL A 35 7.92 -16.54 4.19
N ASN A 36 8.86 -15.81 4.81
CA ASN A 36 9.83 -14.98 4.10
C ASN A 36 9.23 -13.76 3.47
N THR A 37 8.06 -13.38 3.94
CA THR A 37 7.43 -12.14 3.52
C THR A 37 7.14 -11.31 4.74
N ASP A 38 7.10 -9.99 4.57
CA ASP A 38 6.89 -9.14 5.72
C ASP A 38 5.43 -8.77 5.92
N MET A 39 5.16 -8.09 7.01
CA MET A 39 3.79 -7.84 7.41
CA MET A 39 3.79 -7.86 7.42
C MET A 39 3.00 -7.12 6.34
N ALA A 40 3.59 -6.09 5.73
CA ALA A 40 2.90 -5.32 4.75
C ALA A 40 2.56 -6.18 3.55
N LYS A 41 3.43 -7.11 3.18
CA LYS A 41 3.17 -8.01 2.03
CA LYS A 41 3.15 -7.97 2.03
C LYS A 41 2.01 -8.95 2.34
N GLN A 42 1.97 -9.49 3.54
CA GLN A 42 0.90 -10.34 3.96
C GLN A 42 -0.42 -9.61 3.98
N LYS A 43 -0.45 -8.40 4.52
CA LYS A 43 -1.67 -7.61 4.53
C LYS A 43 -2.11 -7.29 3.12
N GLN A 44 -1.16 -6.96 2.24
CA GLN A 44 -1.47 -6.70 0.85
C GLN A 44 -2.11 -7.94 0.21
N HIS A 45 -1.57 -9.12 0.48
CA HIS A 45 -2.15 -10.33 -0.10
C HIS A 45 -3.58 -10.54 0.35
N GLN A 46 -3.83 -10.38 1.65
CA GLN A 46 -5.17 -10.59 2.16
C GLN A 46 -6.14 -9.54 1.62
N LYS A 47 -5.65 -8.34 1.36
CA LYS A 47 -6.49 -7.34 0.69
CA LYS A 47 -6.47 -7.32 0.68
C LYS A 47 -6.77 -7.73 -0.76
N ASP A 48 -5.76 -8.23 -1.46
CA ASP A 48 -5.93 -8.68 -2.86
C ASP A 48 -6.91 -9.86 -2.94
N PHE A 49 -6.74 -10.84 -2.06
CA PHE A 49 -7.63 -12.01 -2.02
C PHE A 49 -9.08 -11.55 -1.78
N MET A 50 -9.25 -10.65 -0.83
CA MET A 50 -10.57 -10.08 -0.54
C MET A 50 -11.11 -9.30 -1.74
N THR A 51 -10.25 -8.52 -2.39
CA THR A 51 -10.69 -7.74 -3.58
C THR A 51 -11.20 -8.68 -4.67
N TYR A 52 -10.48 -9.77 -4.92
CA TYR A 52 -10.96 -10.79 -5.88
C TYR A 52 -12.33 -11.27 -5.44
N ALA A 53 -12.44 -11.66 -4.18
CA ALA A 53 -13.66 -12.30 -3.67
C ALA A 53 -14.89 -11.42 -3.75
N PHE A 54 -14.71 -10.10 -3.57
CA PHE A 54 -15.81 -9.15 -3.67
C PHE A 54 -16.12 -8.75 -5.12
N GLY A 55 -15.47 -9.40 -6.07
CA GLY A 55 -15.84 -9.30 -7.50
C GLY A 55 -14.82 -8.67 -8.43
N GLY A 56 -13.73 -8.15 -7.86
CA GLY A 56 -12.69 -7.46 -8.65
C GLY A 56 -11.73 -8.42 -9.32
N THR A 57 -12.27 -9.39 -10.00
CA THR A 57 -11.48 -10.49 -10.51
C THR A 57 -10.68 -10.11 -11.76
N ASP A 58 -11.08 -9.05 -12.45
CA ASP A 58 -10.30 -8.53 -13.58
C ASP A 58 -8.95 -7.98 -13.19
N ARG A 59 -8.77 -7.73 -11.90
CA ARG A 59 -7.50 -7.21 -11.40
C ARG A 59 -6.44 -8.32 -11.27
N PHE A 60 -6.86 -9.57 -11.41
CA PHE A 60 -6.01 -10.73 -11.13
C PHE A 60 -6.13 -11.74 -12.27
N PRO A 61 -5.53 -11.42 -13.42
CA PRO A 61 -5.65 -12.30 -14.57
C PRO A 61 -5.06 -13.68 -14.30
N GLY A 62 -5.67 -14.67 -14.88
CA GLY A 62 -5.28 -16.08 -14.65
C GLY A 62 -3.82 -16.39 -14.91
N ARG A 63 -3.29 -15.89 -16.01
CA ARG A 63 -1.91 -16.23 -16.38
C ARG A 63 -0.93 -15.70 -15.33
N SER A 64 -1.21 -14.54 -14.81
CA SER A 64 -0.42 -13.98 -13.75
C SER A 64 -0.57 -14.78 -12.48
N MET A 65 -1.79 -15.20 -12.16
CA MET A 65 -2.01 -15.95 -10.93
C MET A 65 -1.36 -17.33 -10.97
N ARG A 66 -1.32 -17.96 -12.11
CA ARG A 66 -0.58 -19.20 -12.26
CA ARG A 66 -0.61 -19.20 -12.24
C ARG A 66 0.87 -19.00 -11.91
N ALA A 67 1.50 -18.03 -12.55
CA ALA A 67 2.93 -17.82 -12.32
C ALA A 67 3.19 -17.41 -10.87
N ALA A 68 2.32 -16.60 -10.29
CA ALA A 68 2.54 -16.09 -8.95
C ALA A 68 2.61 -17.19 -7.91
N HIS A 69 1.81 -18.24 -8.09
CA HIS A 69 1.65 -19.26 -7.07
C HIS A 69 2.37 -20.58 -7.41
N GLN A 70 3.12 -20.62 -8.50
CA GLN A 70 3.76 -21.84 -8.94
C GLN A 70 4.73 -22.43 -7.92
N ASP A 71 5.54 -21.59 -7.30
CA ASP A 71 6.54 -22.04 -6.31
C ASP A 71 5.79 -22.66 -5.13
N LEU A 72 4.68 -22.07 -4.71
CA LEU A 72 3.91 -22.64 -3.60
C LEU A 72 3.38 -24.01 -3.93
N VAL A 73 2.89 -24.18 -5.14
CA VAL A 73 2.37 -25.46 -5.55
C VAL A 73 3.48 -26.53 -5.63
N GLU A 74 4.57 -26.21 -6.31
CA GLU A 74 5.60 -27.22 -6.55
CA GLU A 74 5.61 -27.20 -6.56
C GLU A 74 6.46 -27.47 -5.31
N ASN A 75 6.73 -26.44 -4.53
CA ASN A 75 7.73 -26.55 -3.46
C ASN A 75 7.20 -26.32 -2.04
N ALA A 76 5.90 -26.12 -1.90
CA ALA A 76 5.29 -26.04 -0.57
C ALA A 76 3.97 -26.80 -0.48
N GLY A 77 3.65 -27.60 -1.49
CA GLY A 77 2.49 -28.48 -1.38
C GLY A 77 1.13 -27.79 -1.44
N LEU A 78 1.04 -26.57 -1.95
CA LEU A 78 -0.25 -25.84 -1.93
C LEU A 78 -1.29 -26.60 -2.72
N THR A 79 -2.44 -26.83 -2.11
CA THR A 79 -3.51 -27.58 -2.75
C THR A 79 -4.88 -27.18 -2.17
N ASP A 80 -5.93 -27.94 -2.50
CA ASP A 80 -7.29 -27.50 -2.23
C ASP A 80 -7.55 -27.22 -0.76
N VAL A 81 -7.04 -28.04 0.13
CA VAL A 81 -7.34 -27.85 1.56
C VAL A 81 -6.85 -26.48 2.05
N HIS A 82 -5.80 -25.99 1.44
CA HIS A 82 -5.24 -24.72 1.82
C HIS A 82 -6.04 -23.57 1.23
N PHE A 83 -6.45 -23.73 -0.04
CA PHE A 83 -7.31 -22.73 -0.65
C PHE A 83 -8.62 -22.61 0.14
N ASP A 84 -9.18 -23.74 0.51
CA ASP A 84 -10.43 -23.76 1.29
C ASP A 84 -10.23 -23.03 2.62
N ALA A 85 -9.10 -23.24 3.28
CA ALA A 85 -8.86 -22.64 4.60
C ALA A 85 -8.76 -21.13 4.52
N ILE A 86 -8.06 -20.59 3.54
CA ILE A 86 -7.99 -19.14 3.44
C ILE A 86 -9.34 -18.54 3.05
N ALA A 87 -10.08 -19.23 2.19
CA ALA A 87 -11.45 -18.79 1.87
C ALA A 87 -12.36 -18.80 3.11
N GLU A 88 -12.25 -19.85 3.91
CA GLU A 88 -12.96 -19.95 5.18
C GLU A 88 -12.64 -18.79 6.11
N ASN A 89 -11.36 -18.41 6.21
CA ASN A 89 -10.99 -17.31 7.06
CA ASN A 89 -10.98 -17.30 7.06
C ASN A 89 -11.59 -16.01 6.60
N LEU A 90 -11.73 -15.85 5.28
CA LEU A 90 -12.37 -14.65 4.75
C LEU A 90 -13.82 -14.60 5.12
N VAL A 91 -14.52 -15.70 4.92
CA VAL A 91 -15.95 -15.75 5.24
C VAL A 91 -16.18 -15.51 6.71
N LEU A 92 -15.38 -16.13 7.57
CA LEU A 92 -15.50 -15.94 9.03
CA LEU A 92 -15.54 -15.92 9.01
C LEU A 92 -15.28 -14.47 9.40
N THR A 93 -14.29 -13.85 8.78
CA THR A 93 -14.02 -12.41 8.99
C THR A 93 -15.26 -11.59 8.71
N LEU A 94 -15.91 -11.85 7.59
CA LEU A 94 -17.01 -11.03 7.17
C LEU A 94 -18.21 -11.27 8.08
N GLN A 95 -18.39 -12.51 8.51
CA GLN A 95 -19.48 -12.83 9.46
C GLN A 95 -19.26 -12.13 10.77
N GLU A 96 -18.02 -12.12 11.26
CA GLU A 96 -17.71 -11.47 12.55
C GLU A 96 -17.83 -9.95 12.49
N LEU A 97 -17.70 -9.40 11.29
CA LEU A 97 -17.89 -7.97 11.08
C LEU A 97 -19.33 -7.62 10.74
N ASN A 98 -20.21 -8.64 10.72
CA ASN A 98 -21.63 -8.44 10.43
C ASN A 98 -21.87 -7.77 9.08
N VAL A 99 -21.07 -8.15 8.08
CA VAL A 99 -21.30 -7.79 6.70
C VAL A 99 -22.61 -8.46 6.22
N SER A 100 -23.35 -7.77 5.36
CA SER A 100 -24.65 -8.27 4.88
C SER A 100 -24.53 -9.66 4.31
N GLN A 101 -25.49 -10.51 4.62
CA GLN A 101 -25.53 -11.85 4.09
C GLN A 101 -25.46 -11.85 2.56
N ASP A 102 -26.15 -10.90 1.92
CA ASP A 102 -26.14 -10.83 0.46
C ASP A 102 -24.70 -10.72 -0.08
N LEU A 103 -23.92 -9.82 0.52
CA LEU A 103 -22.52 -9.64 0.14
C LEU A 103 -21.70 -10.89 0.43
N ILE A 104 -21.91 -11.49 1.59
CA ILE A 104 -21.22 -12.71 1.95
C ILE A 104 -21.55 -13.87 0.98
N ASP A 105 -22.82 -13.98 0.61
CA ASP A 105 -23.23 -15.00 -0.37
C ASP A 105 -22.49 -14.84 -1.69
N GLU A 106 -22.37 -13.60 -2.15
CA GLU A 106 -21.67 -13.27 -3.40
CA GLU A 106 -21.71 -13.38 -3.39
C GLU A 106 -20.21 -13.67 -3.25
N VAL A 107 -19.61 -13.31 -2.12
CA VAL A 107 -18.18 -13.61 -1.85
C VAL A 107 -17.92 -15.13 -1.91
N VAL A 108 -18.79 -15.88 -1.26
CA VAL A 108 -18.70 -17.35 -1.28
C VAL A 108 -18.75 -17.91 -2.71
N THR A 109 -19.64 -17.37 -3.52
CA THR A 109 -19.74 -17.79 -4.89
C THR A 109 -18.47 -17.46 -5.70
N ILE A 110 -18.00 -16.22 -5.59
CA ILE A 110 -16.88 -15.75 -6.42
C ILE A 110 -15.59 -16.43 -5.98
N VAL A 111 -15.37 -16.54 -4.66
CA VAL A 111 -14.13 -17.17 -4.17
C VAL A 111 -14.14 -18.66 -4.50
N GLY A 112 -15.30 -19.19 -4.86
CA GLY A 112 -15.42 -20.56 -5.35
C GLY A 112 -15.14 -20.71 -6.84
N SER A 113 -14.68 -19.66 -7.50
CA SER A 113 -14.29 -19.75 -8.93
C SER A 113 -13.42 -20.99 -9.19
N VAL A 114 -13.88 -21.83 -10.10
CA VAL A 114 -13.13 -23.01 -10.50
C VAL A 114 -11.87 -22.56 -11.21
N GLN A 115 -11.99 -21.56 -12.09
CA GLN A 115 -10.83 -21.22 -12.88
CA GLN A 115 -10.87 -21.12 -12.92
C GLN A 115 -9.73 -20.52 -12.07
N HIS A 116 -10.06 -19.62 -11.15
CA HIS A 116 -9.03 -18.99 -10.34
C HIS A 116 -8.38 -20.03 -9.45
N ARG A 117 -9.14 -20.98 -8.94
CA ARG A 117 -8.55 -22.06 -8.17
C ARG A 117 -7.61 -22.91 -9.03
N ASN A 118 -8.00 -23.22 -10.25
CA ASN A 118 -7.14 -23.99 -11.12
C ASN A 118 -5.87 -23.23 -11.45
N ASP A 119 -5.98 -21.94 -11.65
CA ASP A 119 -4.79 -21.15 -11.98
C ASP A 119 -3.85 -21.02 -10.78
N VAL A 120 -4.38 -20.67 -9.62
CA VAL A 120 -3.57 -20.61 -8.41
C VAL A 120 -2.89 -21.95 -8.14
N LEU A 121 -3.65 -23.06 -8.29
CA LEU A 121 -3.12 -24.39 -7.97
C LEU A 121 -2.41 -25.02 -9.17
N ASN A 122 -2.18 -24.23 -10.22
CA ASN A 122 -1.35 -24.64 -11.38
C ASN A 122 -1.80 -25.98 -11.95
N ARG A 123 -3.07 -26.09 -12.26
CA ARG A 123 -3.56 -27.32 -12.83
C ARG A 123 -4.48 -27.06 -14.00
N ALA B 1 -5.46 21.22 -2.61
CA ALA B 1 -6.20 19.97 -2.25
C ALA B 1 -5.47 18.71 -2.76
N SER B 2 -5.60 17.62 -2.02
CA SER B 2 -4.89 16.37 -2.32
C SER B 2 -5.62 15.57 -3.39
N LEU B 3 -4.98 14.49 -3.85
CA LEU B 3 -5.62 13.57 -4.77
C LEU B 3 -6.95 13.01 -4.20
N TYR B 4 -6.94 12.61 -2.94
CA TYR B 4 -8.14 12.07 -2.31
C TYR B 4 -9.26 13.13 -2.27
N GLU B 5 -8.91 14.37 -1.97
CA GLU B 5 -9.90 15.43 -1.95
C GLU B 5 -10.43 15.77 -3.36
N LYS B 6 -9.56 15.80 -4.35
CA LYS B 6 -9.99 16.16 -5.70
C LYS B 6 -10.83 15.10 -6.36
N LEU B 7 -10.51 13.84 -6.10
CA LEU B 7 -11.28 12.72 -6.66
C LEU B 7 -12.48 12.31 -5.80
N GLY B 8 -12.54 12.79 -4.56
CA GLY B 8 -13.69 12.56 -3.68
C GLY B 8 -13.71 11.20 -2.97
N GLY B 9 -12.56 10.81 -2.42
CA GLY B 9 -12.52 9.75 -1.43
C GLY B 9 -11.82 8.50 -1.91
N ALA B 10 -11.59 7.58 -0.98
CA ALA B 10 -10.76 6.41 -1.28
C ALA B 10 -11.32 5.52 -2.37
N ALA B 11 -12.64 5.33 -2.42
CA ALA B 11 -13.19 4.50 -3.48
C ALA B 11 -12.87 5.06 -4.84
N ALA B 12 -12.99 6.36 -4.99
CA ALA B 12 -12.71 6.99 -6.28
C ALA B 12 -11.22 6.93 -6.64
N VAL B 13 -10.36 7.09 -5.62
CA VAL B 13 -8.92 6.94 -5.86
C VAL B 13 -8.57 5.50 -6.28
N ASP B 14 -9.13 4.50 -5.61
CA ASP B 14 -8.86 3.12 -5.95
C ASP B 14 -9.31 2.81 -7.38
N LEU B 15 -10.48 3.34 -7.78
CA LEU B 15 -10.95 3.04 -9.14
C LEU B 15 -10.08 3.73 -10.20
N ALA B 16 -9.66 4.96 -9.94
CA ALA B 16 -8.80 5.69 -10.88
C ALA B 16 -7.40 5.06 -11.00
N VAL B 17 -6.79 4.72 -9.86
CA VAL B 17 -5.50 4.06 -9.86
C VAL B 17 -5.56 2.70 -10.55
N GLU B 18 -6.59 1.92 -10.29
CA GLU B 18 -6.71 0.62 -10.96
C GLU B 18 -6.86 0.76 -12.48
N LYS B 19 -7.65 1.72 -12.94
CA LYS B 19 -7.85 1.87 -14.35
C LYS B 19 -6.55 2.33 -15.02
N PHE B 20 -5.85 3.27 -14.39
CA PHE B 20 -4.57 3.78 -14.93
C PHE B 20 -3.50 2.68 -14.95
N TYR B 21 -3.40 1.94 -13.85
CA TYR B 21 -2.53 0.75 -13.80
C TYR B 21 -2.83 -0.23 -14.92
N GLY B 22 -4.10 -0.51 -15.13
CA GLY B 22 -4.47 -1.45 -16.14
C GLY B 22 -4.15 -0.95 -17.55
N LYS B 23 -4.33 0.35 -17.78
CA LYS B 23 -4.05 0.91 -19.12
CA LYS B 23 -4.06 0.94 -19.10
C LYS B 23 -2.56 0.87 -19.40
N VAL B 24 -1.74 1.19 -18.41
CA VAL B 24 -0.28 1.10 -18.59
C VAL B 24 0.19 -0.35 -18.79
N LEU B 25 -0.42 -1.27 -18.06
CA LEU B 25 -0.09 -2.69 -18.17
C LEU B 25 -0.39 -3.22 -19.59
N ALA B 26 -1.48 -2.72 -20.17
CA ALA B 26 -1.89 -3.15 -21.50
C ALA B 26 -1.18 -2.45 -22.66
N ASP B 27 -0.50 -1.35 -22.38
CA ASP B 27 0.13 -0.51 -23.39
C ASP B 27 1.55 -1.00 -23.66
N GLU B 28 1.78 -1.54 -24.84
CA GLU B 28 3.07 -2.08 -25.15
CA GLU B 28 3.08 -2.06 -25.22
C GLU B 28 4.15 -0.98 -25.29
N ARG B 29 3.75 0.28 -25.38
CA ARG B 29 4.74 1.34 -25.39
C ARG B 29 5.48 1.45 -24.07
N VAL B 30 4.80 1.18 -22.97
CA VAL B 30 5.34 1.49 -21.64
C VAL B 30 5.25 0.39 -20.58
N ASN B 31 4.47 -0.65 -20.83
CA ASN B 31 4.40 -1.75 -19.86
C ASN B 31 5.76 -2.34 -19.53
N ARG B 32 6.65 -2.36 -20.51
CA ARG B 32 7.94 -2.98 -20.38
C ARG B 32 8.83 -2.32 -19.30
N PHE B 33 8.55 -1.09 -18.92
CA PHE B 33 9.40 -0.46 -17.91
C PHE B 33 9.14 -0.96 -16.50
N PHE B 34 8.03 -1.68 -16.29
CA PHE B 34 7.58 -2.03 -14.94
C PHE B 34 7.69 -3.50 -14.58
N VAL B 35 8.32 -4.26 -15.43
CA VAL B 35 8.52 -5.66 -15.13
C VAL B 35 9.64 -5.84 -14.08
N ASN B 36 9.61 -7.00 -13.45
CA ASN B 36 10.54 -7.39 -12.37
C ASN B 36 10.23 -6.72 -11.04
N THR B 37 9.01 -6.21 -10.90
CA THR B 37 8.51 -5.64 -9.62
C THR B 37 7.19 -6.28 -9.37
N ASP B 38 6.81 -6.35 -8.11
CA ASP B 38 5.53 -6.93 -7.79
C ASP B 38 4.39 -5.98 -8.12
N MET B 39 3.21 -6.57 -8.27
CA MET B 39 2.06 -5.84 -8.78
CA MET B 39 2.04 -5.85 -8.74
C MET B 39 1.76 -4.60 -7.92
N ALA B 40 1.91 -4.73 -6.61
CA ALA B 40 1.60 -3.60 -5.73
C ALA B 40 2.54 -2.43 -6.01
N LYS B 41 3.77 -2.73 -6.37
CA LYS B 41 4.78 -1.73 -6.64
C LYS B 41 4.48 -0.98 -7.95
N GLN B 42 4.01 -1.71 -8.95
CA GLN B 42 3.61 -1.11 -10.21
CA GLN B 42 3.57 -1.10 -10.21
C GLN B 42 2.39 -0.21 -9.98
N LYS B 43 1.45 -0.67 -9.19
CA LYS B 43 0.27 0.12 -8.94
CA LYS B 43 0.26 0.12 -8.87
C LYS B 43 0.64 1.37 -8.10
N GLN B 44 1.58 1.24 -7.18
CA GLN B 44 2.05 2.38 -6.42
C GLN B 44 2.69 3.42 -7.36
N HIS B 45 3.46 2.98 -8.35
CA HIS B 45 4.01 3.95 -9.29
C HIS B 45 2.92 4.73 -9.97
N GLN B 46 1.88 4.06 -10.46
CA GLN B 46 0.84 4.74 -11.14
C GLN B 46 0.07 5.67 -10.19
N LYS B 47 -0.08 5.28 -8.91
CA LYS B 47 -0.66 6.16 -7.92
CA LYS B 47 -0.67 6.16 -7.92
C LYS B 47 0.21 7.40 -7.68
N ASP B 48 1.53 7.22 -7.66
CA ASP B 48 2.47 8.33 -7.44
C ASP B 48 2.43 9.26 -8.64
N PHE B 49 2.44 8.70 -9.83
CA PHE B 49 2.37 9.48 -11.05
C PHE B 49 1.08 10.33 -11.09
N MET B 50 -0.03 9.72 -10.74
CA MET B 50 -1.31 10.42 -10.67
C MET B 50 -1.30 11.48 -9.55
N THR B 51 -0.69 11.18 -8.42
CA THR B 51 -0.60 12.12 -7.30
C THR B 51 0.18 13.39 -7.72
N TYR B 52 1.28 13.20 -8.43
CA TYR B 52 2.05 14.32 -8.96
C TYR B 52 1.16 15.13 -9.89
N ALA B 53 0.47 14.45 -10.79
CA ALA B 53 -0.29 15.12 -11.84
C ALA B 53 -1.44 15.96 -11.30
N PHE B 54 -2.00 15.54 -10.17
CA PHE B 54 -3.12 16.24 -9.57
C PHE B 54 -2.66 17.37 -8.64
N GLY B 55 -1.34 17.60 -8.59
CA GLY B 55 -0.78 18.79 -7.91
C GLY B 55 0.14 18.51 -6.74
N GLY B 56 0.36 17.23 -6.45
CA GLY B 56 1.22 16.83 -5.35
C GLY B 56 2.67 16.80 -5.71
N THR B 57 3.14 17.83 -6.39
CA THR B 57 4.46 17.83 -6.99
C THR B 57 5.56 17.96 -5.97
N ASP B 58 5.22 18.59 -4.83
CA ASP B 58 6.19 18.75 -3.77
C ASP B 58 6.57 17.43 -3.10
N ARG B 59 5.74 16.39 -3.29
CA ARG B 59 6.05 15.03 -2.81
C ARG B 59 7.21 14.36 -3.60
N PHE B 60 7.61 14.96 -4.73
CA PHE B 60 8.52 14.31 -5.71
C PHE B 60 9.58 15.30 -6.19
N PRO B 61 10.54 15.62 -5.35
CA PRO B 61 11.54 16.61 -5.73
C PRO B 61 12.35 16.19 -6.98
N GLY B 62 12.73 17.18 -7.80
CA GLY B 62 13.40 16.91 -9.07
C GLY B 62 14.62 16.03 -8.91
N ARG B 63 15.40 16.28 -7.88
CA ARG B 63 16.66 15.59 -7.66
CA ARG B 63 16.64 15.57 -7.73
C ARG B 63 16.41 14.09 -7.46
N SER B 64 15.40 13.77 -6.67
CA SER B 64 15.00 12.37 -6.46
C SER B 64 14.51 11.73 -7.77
N MET B 65 13.70 12.47 -8.52
CA MET B 65 13.15 11.94 -9.77
C MET B 65 14.24 11.68 -10.81
N ARG B 66 15.27 12.49 -10.81
CA ARG B 66 16.34 12.29 -11.73
C ARG B 66 17.08 10.96 -11.42
N ALA B 67 17.40 10.74 -10.15
CA ALA B 67 18.10 9.53 -9.77
C ALA B 67 17.22 8.29 -9.91
N ALA B 68 15.93 8.45 -9.63
CA ALA B 68 14.99 7.32 -9.63
C ALA B 68 14.87 6.70 -11.03
N HIS B 69 15.01 7.53 -12.07
CA HIS B 69 14.73 7.10 -13.43
C HIS B 69 16.00 6.97 -14.28
N GLN B 70 17.17 7.23 -13.69
CA GLN B 70 18.42 7.29 -14.46
C GLN B 70 18.71 5.96 -15.16
N ASP B 71 18.51 4.86 -14.47
CA ASP B 71 18.83 3.58 -15.04
CA ASP B 71 18.83 3.57 -15.03
C ASP B 71 17.88 3.21 -16.18
N LEU B 72 16.63 3.66 -16.09
CA LEU B 72 15.71 3.48 -17.22
C LEU B 72 16.23 4.20 -18.46
N VAL B 73 16.73 5.41 -18.29
CA VAL B 73 17.23 6.19 -19.44
C VAL B 73 18.50 5.53 -20.02
N GLU B 74 19.39 5.07 -19.15
CA GLU B 74 20.69 4.55 -19.58
CA GLU B 74 20.67 4.55 -19.62
C GLU B 74 20.54 3.13 -20.16
N ASN B 75 19.73 2.32 -19.52
CA ASN B 75 19.79 0.88 -19.75
C ASN B 75 18.47 0.30 -20.27
N ALA B 76 17.45 1.13 -20.49
CA ALA B 76 16.18 0.63 -21.03
C ALA B 76 15.58 1.58 -22.08
N GLY B 77 16.35 2.57 -22.52
CA GLY B 77 15.94 3.35 -23.66
C GLY B 77 14.82 4.36 -23.37
N LEU B 78 14.57 4.69 -22.12
CA LEU B 78 13.46 5.60 -21.77
C LEU B 78 13.65 6.95 -22.45
N THR B 79 12.64 7.38 -23.19
CA THR B 79 12.73 8.63 -23.93
C THR B 79 11.31 9.27 -24.09
N ASP B 80 11.23 10.31 -24.93
CA ASP B 80 10.06 11.17 -24.98
C ASP B 80 8.77 10.42 -25.27
N VAL B 81 8.81 9.49 -26.23
CA VAL B 81 7.58 8.79 -26.60
C VAL B 81 7.00 8.04 -25.39
N HIS B 82 7.86 7.54 -24.54
CA HIS B 82 7.43 6.79 -23.34
C HIS B 82 6.84 7.69 -22.28
N PHE B 83 7.52 8.79 -22.00
CA PHE B 83 6.97 9.76 -21.05
C PHE B 83 5.59 10.20 -21.52
N ASP B 84 5.48 10.52 -22.80
CA ASP B 84 4.24 11.02 -23.34
C ASP B 84 3.14 9.95 -23.32
N ALA B 85 3.50 8.69 -23.52
CA ALA B 85 2.54 7.61 -23.52
C ALA B 85 1.93 7.41 -22.11
N ILE B 86 2.73 7.43 -21.07
CA ILE B 86 2.16 7.21 -19.74
C ILE B 86 1.33 8.42 -19.32
N ALA B 87 1.74 9.64 -19.68
CA ALA B 87 0.91 10.82 -19.44
C ALA B 87 -0.40 10.75 -20.22
N GLU B 88 -0.33 10.28 -21.46
CA GLU B 88 -1.55 10.07 -22.27
C GLU B 88 -2.47 9.04 -21.64
N ASN B 89 -1.93 7.96 -21.13
CA ASN B 89 -2.73 6.95 -20.43
C ASN B 89 -3.44 7.49 -19.20
N LEU B 90 -2.78 8.40 -18.47
CA LEU B 90 -3.45 9.07 -17.34
C LEU B 90 -4.67 9.90 -17.84
N VAL B 91 -4.45 10.72 -18.85
CA VAL B 91 -5.52 11.57 -19.35
C VAL B 91 -6.66 10.74 -19.91
N LEU B 92 -6.34 9.66 -20.63
CA LEU B 92 -7.38 8.75 -21.15
C LEU B 92 -8.17 8.10 -20.02
N THR B 93 -7.49 7.70 -18.95
CA THR B 93 -8.12 7.15 -17.78
C THR B 93 -9.13 8.12 -17.21
N LEU B 94 -8.73 9.36 -17.01
CA LEU B 94 -9.60 10.34 -16.37
C LEU B 94 -10.80 10.64 -17.25
N GLN B 95 -10.62 10.60 -18.56
CA GLN B 95 -11.74 10.79 -19.46
CA GLN B 95 -11.74 10.78 -19.50
C GLN B 95 -12.70 9.60 -19.43
N GLU B 96 -12.16 8.37 -19.38
CA GLU B 96 -13.05 7.21 -19.26
C GLU B 96 -13.89 7.27 -18.00
N LEU B 97 -13.28 7.77 -16.91
CA LEU B 97 -13.96 7.87 -15.63
C LEU B 97 -14.93 9.07 -15.61
N ASN B 98 -14.87 9.89 -16.66
CA ASN B 98 -15.67 11.12 -16.77
C ASN B 98 -15.40 12.08 -15.62
N VAL B 99 -14.12 12.22 -15.29
CA VAL B 99 -13.66 13.25 -14.37
C VAL B 99 -13.89 14.62 -15.01
N SER B 100 -14.18 15.62 -14.18
CA SER B 100 -14.48 16.96 -14.69
C SER B 100 -13.38 17.46 -15.61
N GLN B 101 -13.78 18.07 -16.71
CA GLN B 101 -12.84 18.57 -17.69
C GLN B 101 -11.93 19.64 -17.08
N ASP B 102 -12.43 20.39 -16.10
CA ASP B 102 -11.61 21.37 -15.40
C ASP B 102 -10.42 20.69 -14.67
N LEU B 103 -10.68 19.55 -14.04
CA LEU B 103 -9.62 18.81 -13.35
C LEU B 103 -8.64 18.25 -14.34
N ILE B 104 -9.16 17.70 -15.44
CA ILE B 104 -8.31 17.13 -16.45
C ILE B 104 -7.41 18.17 -17.10
N ASP B 105 -7.97 19.35 -17.38
CA ASP B 105 -7.16 20.45 -17.89
C ASP B 105 -5.98 20.80 -16.99
N GLU B 106 -6.20 20.85 -15.67
CA GLU B 106 -5.11 21.14 -14.75
C GLU B 106 -4.08 20.00 -14.73
N VAL B 107 -4.56 18.76 -14.81
CA VAL B 107 -3.68 17.62 -14.86
C VAL B 107 -2.77 17.69 -16.09
N VAL B 108 -3.32 18.03 -17.23
CA VAL B 108 -2.54 18.17 -18.43
C VAL B 108 -1.43 19.22 -18.23
N THR B 109 -1.77 20.34 -17.61
CA THR B 109 -0.80 21.40 -17.37
C THR B 109 0.30 20.95 -16.41
N ILE B 110 -0.09 20.30 -15.31
CA ILE B 110 0.89 19.89 -14.29
C ILE B 110 1.80 18.79 -14.81
N VAL B 111 1.22 17.78 -15.46
CA VAL B 111 1.97 16.59 -15.86
C VAL B 111 2.89 16.96 -17.03
N GLY B 112 2.69 18.17 -17.58
CA GLY B 112 3.53 18.70 -18.65
C GLY B 112 4.68 19.58 -18.17
N SER B 113 4.87 19.66 -16.87
CA SER B 113 6.03 20.34 -16.28
C SER B 113 7.31 20.03 -17.06
N VAL B 114 7.97 21.09 -17.55
CA VAL B 114 9.27 20.95 -18.22
CA VAL B 114 9.26 20.96 -18.21
C VAL B 114 10.32 20.40 -17.25
N GLN B 115 10.29 20.85 -16.00
CA GLN B 115 11.28 20.43 -15.02
C GLN B 115 11.17 18.93 -14.75
N HIS B 116 9.97 18.45 -14.46
CA HIS B 116 9.81 17.03 -14.14
C HIS B 116 10.13 16.15 -15.35
N ARG B 117 9.70 16.56 -16.53
CA ARG B 117 9.99 15.83 -17.75
C ARG B 117 11.50 15.68 -17.92
N ASN B 118 12.21 16.77 -17.78
CA ASN B 118 13.67 16.79 -17.99
CA ASN B 118 13.63 16.76 -18.06
C ASN B 118 14.44 16.09 -16.90
N ASP B 119 13.88 16.07 -15.70
CA ASP B 119 14.50 15.32 -14.61
C ASP B 119 14.29 13.81 -14.75
N VAL B 120 13.07 13.39 -15.06
CA VAL B 120 12.83 11.96 -15.35
C VAL B 120 13.71 11.45 -16.51
N LEU B 121 13.74 12.20 -17.63
CA LEU B 121 14.49 11.78 -18.82
C LEU B 121 15.97 12.12 -18.71
N ASN B 122 16.39 12.60 -17.54
CA ASN B 122 17.80 12.89 -17.26
C ASN B 122 18.42 13.78 -18.35
N ARG B 123 17.79 14.94 -18.53
CA ARG B 123 18.19 15.93 -19.53
C ARG B 123 18.67 17.23 -18.88
N ALA C 1 -11.71 2.79 18.37
CA ALA C 1 -11.75 3.41 17.02
C ALA C 1 -10.38 3.32 16.34
N SER C 2 -10.40 3.11 15.03
CA SER C 2 -9.18 2.97 14.23
C SER C 2 -8.56 4.30 13.86
N LEU C 3 -7.40 4.25 13.24
CA LEU C 3 -6.73 5.47 12.78
C LEU C 3 -7.65 6.22 11.82
N TYR C 4 -8.25 5.49 10.89
CA TYR C 4 -9.10 6.14 9.90
C TYR C 4 -10.30 6.81 10.53
N GLU C 5 -10.85 6.17 11.56
CA GLU C 5 -12.01 6.74 12.25
C GLU C 5 -11.62 7.98 13.05
N LYS C 6 -10.50 7.91 13.74
CA LYS C 6 -10.08 9.04 14.58
C LYS C 6 -9.65 10.26 13.76
N LEU C 7 -9.02 10.05 12.61
CA LEU C 7 -8.61 11.17 11.77
C LEU C 7 -9.70 11.66 10.84
N GLY C 8 -10.69 10.81 10.58
CA GLY C 8 -11.87 11.20 9.82
C GLY C 8 -11.71 10.97 8.32
N GLY C 9 -11.07 9.86 7.95
CA GLY C 9 -11.17 9.35 6.61
C GLY C 9 -9.84 9.23 5.91
N ALA C 10 -9.87 8.63 4.72
CA ALA C 10 -8.63 8.35 3.99
C ALA C 10 -7.85 9.60 3.62
N ALA C 11 -8.53 10.68 3.23
CA ALA C 11 -7.84 11.89 2.86
C ALA C 11 -7.02 12.43 4.03
N ALA C 12 -7.60 12.40 5.22
CA ALA C 12 -6.91 12.88 6.40
C ALA C 12 -5.71 12.01 6.75
N VAL C 13 -5.90 10.68 6.65
CA VAL C 13 -4.82 9.75 6.94
C VAL C 13 -3.67 9.96 5.95
N ASP C 14 -3.99 10.12 4.68
CA ASP C 14 -2.95 10.34 3.67
C ASP C 14 -2.15 11.65 3.94
N LEU C 15 -2.85 12.72 4.31
CA LEU C 15 -2.18 13.97 4.60
C LEU C 15 -1.30 13.86 5.82
N ALA C 16 -1.77 13.17 6.85
CA ALA C 16 -0.97 13.03 8.06
C ALA C 16 0.24 12.13 7.83
N VAL C 17 0.06 11.05 7.09
CA VAL C 17 1.17 10.15 6.83
C VAL C 17 2.23 10.84 5.97
N GLU C 18 1.80 11.58 4.94
CA GLU C 18 2.74 12.30 4.10
C GLU C 18 3.58 13.31 4.91
N LYS C 19 2.92 14.07 5.80
CA LYS C 19 3.64 15.07 6.54
C LYS C 19 4.64 14.41 7.50
N PHE C 20 4.22 13.36 8.18
CA PHE C 20 5.07 12.64 9.12
C PHE C 20 6.28 12.02 8.38
N TYR C 21 6.00 11.34 7.29
CA TYR C 21 7.04 10.82 6.39
C TYR C 21 8.05 11.90 6.03
N GLY C 22 7.56 13.06 5.64
CA GLY C 22 8.44 14.13 5.20
C GLY C 22 9.33 14.64 6.33
N LYS C 23 8.78 14.69 7.53
CA LYS C 23 9.54 15.19 8.66
C LYS C 23 10.64 14.19 9.04
N VAL C 24 10.32 12.91 9.04
CA VAL C 24 11.32 11.89 9.35
C VAL C 24 12.43 11.85 8.31
N LEU C 25 12.05 12.01 7.05
CA LEU C 25 13.02 11.99 5.96
C LEU C 25 13.98 13.18 6.05
N ALA C 26 13.48 14.30 6.57
CA ALA C 26 14.30 15.53 6.69
C ALA C 26 15.10 15.59 8.01
N ASP C 27 14.83 14.66 8.93
CA ASP C 27 15.42 14.71 10.28
C ASP C 27 16.68 13.85 10.32
N GLU C 28 17.85 14.49 10.44
CA GLU C 28 19.13 13.76 10.39
C GLU C 28 19.31 12.79 11.57
N ARG C 29 18.53 12.96 12.63
CA ARG C 29 18.61 12.05 13.75
C ARG C 29 18.08 10.65 13.38
N VAL C 30 17.10 10.57 12.50
CA VAL C 30 16.43 9.31 12.26
C VAL C 30 16.28 8.89 10.79
N ASN C 31 16.47 9.81 9.84
CA ASN C 31 16.31 9.41 8.43
C ASN C 31 17.25 8.26 8.07
N ARG C 32 18.35 8.17 8.79
CA ARG C 32 19.40 7.18 8.46
C ARG C 32 18.93 5.74 8.68
N PHE C 33 17.91 5.54 9.49
CA PHE C 33 17.50 4.18 9.79
C PHE C 33 16.72 3.55 8.65
N PHE C 34 16.31 4.37 7.69
CA PHE C 34 15.42 3.94 6.63
C PHE C 34 16.08 3.80 5.27
N VAL C 35 17.38 3.94 5.22
CA VAL C 35 17.98 3.80 3.90
C VAL C 35 17.99 2.31 3.48
N ASN C 36 18.13 2.14 2.18
CA ASN C 36 18.00 0.85 1.49
C ASN C 36 16.60 0.30 1.49
N THR C 37 15.62 1.15 1.79
CA THR C 37 14.20 0.87 1.56
C THR C 37 13.64 1.96 0.67
N ASP C 38 12.63 1.62 -0.12
CA ASP C 38 12.08 2.57 -1.06
C ASP C 38 11.02 3.47 -0.43
N MET C 39 10.62 4.50 -1.14
CA MET C 39 9.81 5.57 -0.57
CA MET C 39 9.83 5.55 -0.55
C MET C 39 8.50 5.02 0.00
N ALA C 40 7.86 4.13 -0.72
CA ALA C 40 6.57 3.59 -0.26
C ALA C 40 6.75 2.78 1.05
N LYS C 41 7.88 2.10 1.19
CA LYS C 41 8.15 1.30 2.38
CA LYS C 41 8.15 1.30 2.38
C LYS C 41 8.38 2.21 3.59
N GLN C 42 9.05 3.33 3.37
CA GLN C 42 9.22 4.33 4.41
C GLN C 42 7.87 4.91 4.84
N LYS C 43 7.05 5.28 3.88
CA LYS C 43 5.73 5.83 4.16
C LYS C 43 4.87 4.82 4.90
N GLN C 44 4.99 3.55 4.55
CA GLN C 44 4.25 2.52 5.25
C GLN C 44 4.73 2.38 6.71
N HIS C 45 6.03 2.50 6.94
CA HIS C 45 6.52 2.49 8.33
C HIS C 45 5.94 3.62 9.14
N GLN C 46 5.95 4.82 8.58
CA GLN C 46 5.38 5.95 9.30
C GLN C 46 3.87 5.82 9.50
N LYS C 47 3.18 5.18 8.58
CA LYS C 47 1.78 4.89 8.77
CA LYS C 47 1.76 4.88 8.77
C LYS C 47 1.57 3.89 9.91
N ASP C 48 2.39 2.85 9.96
CA ASP C 48 2.35 1.84 11.03
C ASP C 48 2.68 2.45 12.41
N PHE C 49 3.72 3.26 12.46
CA PHE C 49 4.09 3.97 13.68
C PHE C 49 2.91 4.83 14.15
N MET C 50 2.32 5.57 13.24
CA MET C 50 1.15 6.39 13.58
C MET C 50 -0.04 5.54 14.03
N THR C 51 -0.27 4.43 13.34
CA THR C 51 -1.37 3.52 13.69
C THR C 51 -1.21 3.01 15.11
N TYR C 52 0.01 2.61 15.47
CA TYR C 52 0.27 2.23 16.86
C TYR C 52 -0.07 3.37 17.82
N ALA C 53 0.40 4.56 17.50
CA ALA C 53 0.28 5.71 18.38
C ALA C 53 -1.16 6.10 18.65
N PHE C 54 -2.03 5.93 17.65
CA PHE C 54 -3.43 6.29 17.77
C PHE C 54 -4.23 5.18 18.41
N GLY C 55 -3.53 4.18 18.93
CA GLY C 55 -4.18 3.16 19.73
C GLY C 55 -4.29 1.79 19.11
N GLY C 56 -3.71 1.61 17.92
CA GLY C 56 -3.76 0.33 17.22
C GLY C 56 -2.62 -0.57 17.65
N THR C 57 -2.41 -0.65 18.94
CA THR C 57 -1.20 -1.29 19.50
C THR C 57 -1.24 -2.81 19.38
N ASP C 58 -2.44 -3.38 19.37
CA ASP C 58 -2.58 -4.82 19.20
C ASP C 58 -2.20 -5.29 17.79
N ARG C 59 -2.12 -4.39 16.82
CA ARG C 59 -1.62 -4.74 15.48
C ARG C 59 -0.11 -5.00 15.46
N PHE C 60 0.57 -4.66 16.55
CA PHE C 60 2.05 -4.70 16.59
C PHE C 60 2.54 -5.37 17.86
N PRO C 61 2.47 -6.69 17.89
CA PRO C 61 2.80 -7.42 19.12
C PRO C 61 4.27 -7.29 19.46
N GLY C 62 4.56 -7.29 20.76
CA GLY C 62 5.91 -7.02 21.24
C GLY C 62 6.97 -7.92 20.64
N ARG C 63 6.73 -9.23 20.60
CA ARG C 63 7.75 -10.18 20.13
C ARG C 63 8.11 -9.92 18.67
N SER C 64 7.11 -9.63 17.86
CA SER C 64 7.32 -9.27 16.46
CA SER C 64 7.34 -9.29 16.46
C SER C 64 8.12 -7.98 16.33
N MET C 65 7.81 -7.00 17.15
CA MET C 65 8.53 -5.71 17.10
C MET C 65 9.97 -5.83 17.60
N ARG C 66 10.20 -6.69 18.56
CA ARG C 66 11.57 -6.95 18.99
C ARG C 66 12.40 -7.54 17.85
N ALA C 67 11.84 -8.52 17.17
CA ALA C 67 12.51 -9.14 16.03
C ALA C 67 12.71 -8.14 14.88
N ALA C 68 11.68 -7.36 14.60
CA ALA C 68 11.70 -6.42 13.47
C ALA C 68 12.81 -5.38 13.59
N HIS C 69 13.16 -5.00 14.81
CA HIS C 69 14.08 -3.89 15.01
C HIS C 69 15.45 -4.32 15.56
N GLN C 70 15.66 -5.63 15.75
CA GLN C 70 16.88 -6.12 16.39
CA GLN C 70 16.88 -6.11 16.39
C GLN C 70 18.13 -5.71 15.61
N ASP C 71 18.08 -5.78 14.30
CA ASP C 71 19.27 -5.46 13.53
C ASP C 71 19.61 -3.98 13.58
N LEU C 72 18.58 -3.13 13.70
CA LEU C 72 18.83 -1.70 13.91
C LEU C 72 19.54 -1.46 15.26
N VAL C 73 19.10 -2.15 16.30
CA VAL C 73 19.74 -2.01 17.61
C VAL C 73 21.19 -2.50 17.60
N GLU C 74 21.40 -3.63 16.96
CA GLU C 74 22.71 -4.28 16.96
C GLU C 74 23.70 -3.60 16.00
N ASN C 75 23.22 -3.22 14.82
CA ASN C 75 24.13 -2.88 13.72
C ASN C 75 23.91 -1.46 13.19
N ALA C 76 23.06 -0.67 13.85
CA ALA C 76 22.87 0.74 13.49
C ALA C 76 22.74 1.64 14.71
N GLY C 77 22.95 1.08 15.91
CA GLY C 77 23.03 1.90 17.13
C GLY C 77 21.71 2.56 17.51
N LEU C 78 20.59 1.92 17.17
CA LEU C 78 19.29 2.46 17.51
C LEU C 78 19.15 2.55 19.03
N THR C 79 18.75 3.71 19.52
CA THR C 79 18.56 3.93 20.98
C THR C 79 17.33 4.81 21.29
N ASP C 80 17.16 5.10 22.58
CA ASP C 80 16.07 5.99 23.05
C ASP C 80 16.04 7.31 22.32
N VAL C 81 17.20 7.88 22.09
CA VAL C 81 17.27 9.20 21.50
C VAL C 81 16.58 9.19 20.13
N HIS C 82 16.74 8.09 19.39
CA HIS C 82 16.13 7.99 18.07
C HIS C 82 14.63 7.76 18.17
N PHE C 83 14.23 6.89 19.09
CA PHE C 83 12.82 6.69 19.37
C PHE C 83 12.15 8.02 19.72
N ASP C 84 12.77 8.76 20.64
CA ASP C 84 12.23 10.05 21.04
C ASP C 84 12.07 10.97 19.84
N ALA C 85 13.02 10.95 18.93
CA ALA C 85 12.99 11.84 17.78
C ALA C 85 11.82 11.54 16.83
N ILE C 86 11.59 10.27 16.53
CA ILE C 86 10.52 9.93 15.62
C ILE C 86 9.17 10.19 16.28
N ALA C 87 9.09 9.96 17.58
CA ALA C 87 7.89 10.33 18.33
C ALA C 87 7.62 11.85 18.33
N GLU C 88 8.66 12.63 18.51
CA GLU C 88 8.58 14.09 18.41
C GLU C 88 8.06 14.54 17.05
N ASN C 89 8.55 13.90 16.01
CA ASN C 89 8.15 14.24 14.65
C ASN C 89 6.68 13.93 14.43
N LEU C 90 6.20 12.88 15.06
CA LEU C 90 4.77 12.57 14.99
C LEU C 90 3.92 13.61 15.69
N VAL C 91 4.29 13.97 16.91
CA VAL C 91 3.52 14.94 17.65
C VAL C 91 3.51 16.30 16.92
N LEU C 92 4.66 16.73 16.40
CA LEU C 92 4.72 17.97 15.62
C LEU C 92 3.77 17.89 14.45
N THR C 93 3.80 16.77 13.73
CA THR C 93 2.89 16.57 12.60
C THR C 93 1.44 16.81 13.00
N LEU C 94 1.02 16.19 14.09
CA LEU C 94 -0.38 16.27 14.52
C LEU C 94 -0.75 17.68 14.96
N GLN C 95 0.20 18.37 15.59
CA GLN C 95 -0.01 19.78 16.01
C GLN C 95 -0.16 20.68 14.81
N GLU C 96 0.69 20.48 13.80
CA GLU C 96 0.66 21.30 12.61
C GLU C 96 -0.63 21.09 11.81
N LEU C 97 -1.19 19.88 11.88
CA LEU C 97 -2.45 19.59 11.20
C LEU C 97 -3.68 19.95 12.05
N ASN C 98 -3.44 20.49 13.24
CA ASN C 98 -4.54 20.90 14.15
C ASN C 98 -5.50 19.74 14.44
N VAL C 99 -4.93 18.56 14.65
CA VAL C 99 -5.63 17.43 15.24
C VAL C 99 -6.08 17.79 16.67
N SER C 100 -7.26 17.31 17.05
CA SER C 100 -7.84 17.64 18.34
C SER C 100 -6.84 17.36 19.47
N GLN C 101 -6.75 18.27 20.44
CA GLN C 101 -5.77 18.12 21.48
C GLN C 101 -6.00 16.86 22.30
N ASP C 102 -7.27 16.44 22.45
CA ASP C 102 -7.58 15.19 23.13
C ASP C 102 -6.93 13.99 22.44
N LEU C 103 -6.96 13.97 21.11
CA LEU C 103 -6.30 12.92 20.37
C LEU C 103 -4.80 13.01 20.49
N ILE C 104 -4.25 14.22 20.44
CA ILE C 104 -2.81 14.38 20.56
C ILE C 104 -2.32 13.96 21.92
N ASP C 105 -3.06 14.31 22.96
CA ASP C 105 -2.71 13.92 24.32
C ASP C 105 -2.67 12.41 24.50
N GLU C 106 -3.62 11.71 23.88
CA GLU C 106 -3.63 10.26 23.90
C GLU C 106 -2.46 9.64 23.11
N VAL C 107 -2.12 10.26 21.98
CA VAL C 107 -0.95 9.82 21.18
C VAL C 107 0.33 9.95 21.99
N VAL C 108 0.48 11.08 22.66
CA VAL C 108 1.68 11.33 23.46
C VAL C 108 1.82 10.23 24.53
N THR C 109 0.71 9.88 25.17
CA THR C 109 0.69 8.80 26.16
C THR C 109 1.07 7.45 25.55
N ILE C 110 0.39 7.08 24.47
CA ILE C 110 0.58 5.74 23.88
C ILE C 110 1.97 5.56 23.28
N VAL C 111 2.53 6.59 22.65
CA VAL C 111 3.86 6.45 22.02
CA VAL C 111 3.84 6.44 22.02
C VAL C 111 4.95 6.38 23.08
N GLY C 112 4.59 6.69 24.31
CA GLY C 112 5.49 6.49 25.43
C GLY C 112 5.39 5.13 26.10
N SER C 113 4.55 4.23 25.56
CA SER C 113 4.38 2.94 26.17
CA SER C 113 4.39 2.87 26.12
C SER C 113 5.75 2.27 26.39
N VAL C 114 6.02 1.89 27.62
CA VAL C 114 7.33 1.32 27.96
C VAL C 114 7.55 -0.03 27.31
N GLN C 115 6.49 -0.83 27.21
CA GLN C 115 6.64 -2.18 26.64
C GLN C 115 7.10 -2.11 25.18
N HIS C 116 6.44 -1.30 24.35
CA HIS C 116 6.82 -1.21 22.95
C HIS C 116 8.22 -0.60 22.81
N ARG C 117 8.57 0.40 23.64
CA ARG C 117 9.91 0.98 23.58
CA ARG C 117 9.90 0.99 23.60
C ARG C 117 10.97 -0.05 23.98
N ASN C 118 10.68 -0.85 25.02
CA ASN C 118 11.58 -1.92 25.42
C ASN C 118 11.77 -2.95 24.30
N ASP C 119 10.69 -3.30 23.63
CA ASP C 119 10.75 -4.32 22.60
C ASP C 119 11.44 -3.84 21.31
N VAL C 120 11.13 -2.62 20.88
CA VAL C 120 11.79 -2.04 19.73
C VAL C 120 13.28 -1.92 20.00
N LEU C 121 13.65 -1.42 21.18
CA LEU C 121 15.04 -1.11 21.49
C LEU C 121 15.77 -2.34 22.04
N ASN C 122 15.08 -3.48 22.03
CA ASN C 122 15.65 -4.78 22.40
C ASN C 122 16.31 -4.70 23.79
N ARG C 123 15.56 -4.15 24.74
CA ARG C 123 16.06 -3.92 26.09
C ARG C 123 15.58 -5.01 27.02
FE HEB D . -1.99 -15.41 -3.69
CHA HEB D . 0.99 -13.96 -4.34
CHB HEB D . -3.57 -12.95 -5.41
CHC HEB D . -4.79 -17.30 -3.75
CHD HEB D . -0.69 -17.24 -1.22
NA HEB D . -1.39 -13.77 -4.72
C1A HEB D . -0.15 -13.36 -4.91
C2A HEB D . -0.04 -12.10 -5.62
C3A HEB D . -1.41 -11.76 -5.83
C4A HEB D . -2.19 -12.86 -5.29
CMA HEB D . -1.97 -10.56 -6.50
CAA HEB D . 1.17 -11.22 -5.89
CBA HEB D . 1.45 -11.24 -7.38
CGA HEB D . 2.44 -10.15 -7.80
O1A HEB D . 2.87 -9.28 -7.00
O2A HEB D . 2.78 -10.18 -9.01
NB HEB D . -3.84 -15.17 -4.42
C1B HEB D . -4.34 -14.07 -5.06
C2B HEB D . -5.70 -14.23 -5.47
C3B HEB D . -6.05 -15.53 -5.09
C4B HEB D . -4.84 -16.03 -4.40
CMB HEB D . -6.52 -13.22 -6.22
CAB HEB D . -7.35 -16.26 -5.33
CBB HEB D . -8.49 -15.48 -4.69
NC HEB D . -2.61 -17.02 -2.67
C1C HEB D . -3.76 -17.67 -2.82
C2C HEB D . -3.91 -18.81 -1.92
C3C HEB D . -2.74 -18.71 -1.13
C4C HEB D . -1.98 -17.60 -1.64
CMC HEB D . -4.98 -19.79 -1.86
CAC HEB D . -2.28 -19.56 -0.03
CBC HEB D . -3.10 -20.22 0.78
ND HEB D . -0.15 -15.64 -2.97
C1D HEB D . 0.17 -16.32 -1.84
C2D HEB D . 1.55 -16.11 -1.48
C3D HEB D . 2.10 -15.26 -2.47
C4D HEB D . 0.94 -14.96 -3.30
CMD HEB D . 2.30 -16.75 -0.35
CAD HEB D . 3.50 -14.76 -2.57
CBD HEB D . 3.79 -13.75 -1.52
CGD HEB D . 3.17 -12.45 -1.87
O1D HEB D . 3.36 -11.96 -3.01
O2D HEB D . 2.66 -11.80 -0.95
S SO4 E . -6.52 3.88 1.41
O1 SO4 E . -6.38 4.77 2.55
O2 SO4 E . -6.91 4.64 0.26
O3 SO4 E . -5.23 3.21 1.17
O4 SO4 E . -7.50 2.89 1.70
S SO4 F . -21.56 -5.77 -8.74
O1 SO4 F . -23.00 -5.84 -8.44
O2 SO4 F . -21.36 -5.33 -10.14
O3 SO4 F . -20.95 -7.10 -8.55
O4 SO4 F . -20.91 -4.82 -7.82
FE HEB G . 8.60 6.96 -12.23
CHA HEB G . 10.46 5.14 -10.09
CHB HEB G . 7.47 8.83 -9.70
CHC HEB G . 7.69 9.27 -14.53
CHD HEB G . 8.77 4.52 -14.58
NA HEB G . 8.90 6.98 -10.25
C1A HEB G . 9.70 6.20 -9.53
C2A HEB G . 9.68 6.47 -8.12
C3A HEB G . 8.83 7.59 -8.01
C4A HEB G . 8.38 7.82 -9.35
CMA HEB G . 8.33 8.27 -6.77
CAA HEB G . 10.74 6.02 -7.16
CBA HEB G . 10.09 5.19 -6.14
CGA HEB G . 11.03 5.07 -4.93
O1A HEB G . 10.67 4.33 -4.07
O2A HEB G . 12.20 5.50 -4.98
NB HEB G . 7.74 8.75 -12.11
C1B HEB G . 7.31 9.37 -11.01
C2B HEB G . 6.73 10.68 -11.30
C3B HEB G . 6.88 10.90 -12.69
C4B HEB G . 7.51 9.63 -13.13
CMB HEB G . 6.19 11.64 -10.29
CAB HEB G . 6.55 12.15 -13.47
CBB HEB G . 5.06 12.42 -13.40
NC HEB G . 8.30 6.91 -14.20
C1C HEB G . 7.98 7.95 -15.00
C2C HEB G . 7.88 7.57 -16.40
C3C HEB G . 8.13 6.17 -16.39
C4C HEB G . 8.36 5.82 -15.03
CMC HEB G . 7.67 8.52 -17.51
CAC HEB G . 8.14 5.19 -17.52
CBC HEB G . 7.43 5.36 -18.61
ND HEB G . 9.47 5.16 -12.32
C1D HEB G . 9.37 4.25 -13.31
C2D HEB G . 9.99 2.97 -12.99
C3D HEB G . 10.60 3.21 -11.74
C4D HEB G . 10.20 4.57 -11.39
CMD HEB G . 10.04 1.73 -13.83
CAD HEB G . 11.29 2.23 -10.86
CBD HEB G . 10.26 1.19 -10.36
CGD HEB G . 9.40 1.67 -9.19
O1D HEB G . 8.21 1.33 -9.19
O2D HEB G . 9.96 2.14 -8.15
S SO4 H . -13.08 7.49 2.70
O1 SO4 H . -14.36 8.19 2.96
O2 SO4 H . -12.33 8.26 1.72
O3 SO4 H . -12.35 7.40 3.93
O4 SO4 H . -13.40 6.16 2.19
S SO4 I . -0.74 17.51 -1.55
O1 SO4 I . -1.03 18.49 -0.48
O2 SO4 I . -0.76 18.18 -2.86
O3 SO4 I . 0.61 16.94 -1.34
O4 SO4 I . -1.78 16.44 -1.51
S SO4 J . -4.70 23.02 -5.74
O1 SO4 J . -5.01 24.43 -5.40
O2 SO4 J . -4.88 22.81 -7.19
O3 SO4 J . -3.30 22.74 -5.37
O4 SO4 J . -5.59 22.12 -5.01
FE HEB K . 9.70 0.18 13.12
CHA HEB K . 10.25 -2.17 10.74
CHB HEB K . 6.48 -0.78 13.42
CHC HEB K . 9.48 1.90 16.03
CHD HEB K . 12.46 1.88 12.16
NA HEB K . 8.57 -1.23 12.25
C1A HEB K . 8.95 -2.15 11.35
C2A HEB K . 7.85 -2.97 10.87
C3A HEB K . 6.71 -2.53 11.62
C4A HEB K . 7.25 -1.46 12.45
CMA HEB K . 5.30 -2.95 11.47
CAA HEB K . 7.86 -4.08 9.84
CBA HEB K . 8.09 -5.43 10.50
CGA HEB K . 7.67 -6.62 9.66
O1A HEB K . 7.11 -6.47 8.55
O2A HEB K . 8.08 -7.75 10.03
NB HEB K . 8.27 0.49 14.49
C1B HEB K . 7.00 0.08 14.42
C2B HEB K . 6.17 0.44 15.55
C3B HEB K . 7.09 1.15 16.40
C4B HEB K . 8.34 1.13 15.65
CMB HEB K . 4.73 0.07 15.76
CAB HEB K . 6.82 1.71 17.82
CBB HEB K . 5.75 2.78 17.72
NC HEB K . 10.83 1.61 14.00
C1C HEB K . 10.58 2.25 15.16
C2C HEB K . 11.62 3.21 15.50
C3C HEB K . 12.44 3.26 14.33
C4C HEB K . 11.88 2.24 13.44
CMC HEB K . 11.74 3.96 16.78
CAC HEB K . 13.63 4.10 14.00
CBC HEB K . 13.79 5.31 14.49
ND HEB K . 11.14 -0.11 11.75
C1D HEB K . 12.13 0.72 11.43
C2D HEB K . 12.86 0.29 10.28
C3D HEB K . 12.30 -0.94 9.95
C4D HEB K . 11.19 -1.07 10.85
CMD HEB K . 14.04 0.91 9.65
CAD HEB K . 12.71 -1.87 8.84
CBD HEB K . 12.32 -1.34 7.44
CGD HEB K . 10.83 -1.49 7.16
O1D HEB K . 10.28 -2.58 7.34
O2D HEB K . 10.23 -0.53 6.59
S SO4 L . -7.68 -0.96 15.63
O1 SO4 L . -8.96 -1.65 15.91
O2 SO4 L . -7.85 -0.01 14.54
O3 SO4 L . -6.70 -2.01 15.28
O4 SO4 L . -7.21 -0.24 16.85
S SO4 M . -10.28 4.04 21.38
O1 SO4 M . -10.39 5.36 22.00
O2 SO4 M . -10.51 4.15 19.93
O3 SO4 M . -8.91 3.49 21.60
O4 SO4 M . -11.28 3.11 21.96
S SO4 N . 24.20 8.54 16.40
O1 SO4 N . 24.64 9.44 17.50
O2 SO4 N . 22.88 8.98 15.89
O3 SO4 N . 25.20 8.57 15.31
O4 SO4 N . 24.06 7.17 16.90
#